data_7OI3
#
_entry.id   7OI3
#
_cell.length_a   1.00
_cell.length_b   1.00
_cell.length_c   1.00
_cell.angle_alpha   90.00
_cell.angle_beta   90.00
_cell.angle_gamma   90.00
#
_symmetry.space_group_name_H-M   'P 1'
#
loop_
_entity.id
_entity.type
_entity.pdbx_description
1 polymer 'Cetacean morbillivirus nucleoprotein'
2 polymer 'poly-A 6-mer'
#
loop_
_entity_poly.entity_id
_entity_poly.type
_entity_poly.pdbx_seq_one_letter_code
_entity_poly.pdbx_strand_id
1 'polypeptide(L)'
;GMATLLRSLALFKRNKDRTPLTAGSGGAIRGIKHVIVVPVPGDSSIVTRSRLLDRLVRLAGDPYISGPKLTGVMISILSL
FVESPSQLIQRITDDPDVSIRLVEVIQSEKSLSGLTFASRGANMEDEADDYFSIQAGEEGDTRGTHWFENKEIVEIEVQD
PEEFNILLASILAQIWILLAKAVTAPDTAADSETRRWIKYTQQRRVVGEFRLDKGWLDAVRNRIAEDLSLRRFMVALILD
IKRTPGNKPRIAEMICDIDTYIVEAGLASFILTIKFGIETMYPALGLHEFSGELTTVESLMNLYQQMGETAPYMVILENS
IQNKFSAGSYPLLWSYAMGVGVELENSMGGLNFGRSYFDPAYFRLGQEMVRRSAGKVSSSLAAELGITAEDAKLVSEIAA
QANDDRVEHHHHHHHH
;
E
2 'polyribonucleotide' AAAAAA B
#
loop_
_chem_comp.id
_chem_comp.type
_chem_comp.name
_chem_comp.formula
A RNA linking ADENOSINE-5'-MONOPHOSPHATE 'C10 H14 N5 O7 P'
#
# COMPACT_ATOMS: atom_id res chain seq x y z
N ALA A 3 33.32 -19.18 -25.12
CA ALA A 3 32.98 -19.85 -23.88
C ALA A 3 32.84 -18.84 -22.75
N THR A 4 33.98 -18.33 -22.27
CA THR A 4 33.99 -17.39 -21.16
C THR A 4 33.20 -16.14 -21.45
N LEU A 5 32.83 -15.89 -22.70
CA LEU A 5 32.13 -14.67 -23.04
C LEU A 5 30.79 -14.60 -22.32
N LEU A 6 30.03 -15.69 -22.36
CA LEU A 6 28.74 -15.70 -21.70
C LEU A 6 28.89 -15.38 -20.22
N ARG A 7 29.89 -15.99 -19.59
CA ARG A 7 30.07 -15.77 -18.16
C ARG A 7 30.45 -14.33 -17.87
N SER A 8 31.37 -13.78 -18.65
CA SER A 8 31.73 -12.38 -18.46
C SER A 8 30.52 -11.48 -18.64
N LEU A 9 29.70 -11.79 -19.63
CA LEU A 9 28.51 -10.99 -19.89
C LEU A 9 27.54 -11.04 -18.72
N ALA A 10 27.28 -12.24 -18.21
CA ALA A 10 26.37 -12.36 -17.09
C ALA A 10 26.91 -11.62 -15.88
N LEU A 11 28.21 -11.75 -15.63
CA LEU A 11 28.82 -11.02 -14.53
C LEU A 11 28.62 -9.53 -14.71
N PHE A 12 28.71 -9.06 -15.94
CA PHE A 12 28.57 -7.64 -16.21
C PHE A 12 27.14 -7.19 -15.97
N LYS A 13 26.18 -7.98 -16.42
CA LYS A 13 24.78 -7.65 -16.21
C LYS A 13 24.42 -7.66 -14.74
N ARG A 14 25.04 -8.56 -13.97
CA ARG A 14 24.77 -8.62 -12.55
C ARG A 14 25.29 -7.39 -11.83
N ASN A 15 26.31 -6.74 -12.37
CA ASN A 15 26.86 -5.56 -11.72
C ASN A 15 25.99 -4.33 -11.95
N LYS A 16 25.25 -4.31 -13.06
CA LYS A 16 24.37 -3.18 -13.33
C LYS A 16 23.26 -3.10 -12.29
N ASP A 17 22.88 -4.23 -11.70
CA ASP A 17 21.81 -4.25 -10.71
C ASP A 17 22.34 -4.73 -9.37
N ARG A 18 23.51 -4.23 -8.98
CA ARG A 18 24.11 -4.62 -7.71
C ARG A 18 23.17 -4.28 -6.56
N THR A 19 22.98 -5.24 -5.67
CA THR A 19 22.08 -5.07 -4.54
C THR A 19 22.73 -4.13 -3.52
N PRO A 20 22.16 -2.95 -3.24
CA PRO A 20 22.78 -2.05 -2.26
C PRO A 20 22.54 -2.49 -0.82
N LEU A 21 23.29 -3.50 -0.40
CA LEU A 21 23.12 -4.04 0.94
C LEU A 21 23.86 -3.19 1.96
N THR A 22 23.44 -3.31 3.22
CA THR A 22 24.03 -2.53 4.29
C THR A 22 25.43 -3.00 4.69
N ALA A 23 26.42 -2.15 4.48
CA ALA A 23 27.79 -2.49 4.83
C ALA A 23 28.41 -1.47 5.79
N GLY A 24 28.27 -0.19 5.46
CA GLY A 24 28.84 0.87 6.28
C GLY A 24 29.47 1.95 5.42
N SER A 25 29.82 1.61 4.19
CA SER A 25 30.43 2.57 3.30
C SER A 25 29.42 3.67 2.94
N GLY A 26 29.94 4.73 2.31
CA GLY A 26 29.13 5.82 1.86
C GLY A 26 28.90 6.92 2.87
N GLY A 27 29.62 6.90 3.99
CA GLY A 27 29.40 7.91 5.01
C GLY A 27 27.98 7.85 5.55
N ALA A 28 27.43 9.01 5.89
CA ALA A 28 26.06 9.09 6.36
C ALA A 28 25.52 10.49 6.12
N ILE A 29 24.61 10.61 5.15
CA ILE A 29 23.95 11.87 4.84
C ILE A 29 22.51 11.82 5.31
N ARG A 30 22.00 12.98 5.72
CA ARG A 30 20.59 13.11 6.07
C ARG A 30 20.24 14.58 6.04
N GLY A 31 19.05 14.88 5.53
CA GLY A 31 18.58 16.24 5.41
C GLY A 31 17.84 16.70 6.65
N ILE A 32 17.15 17.83 6.51
CA ILE A 32 16.35 18.34 7.60
C ILE A 32 15.13 17.45 7.77
N LYS A 33 14.79 17.17 9.03
CA LYS A 33 13.63 16.40 9.38
C LYS A 33 12.66 17.27 10.17
N HIS A 34 11.39 17.26 9.76
CA HIS A 34 10.39 18.04 10.44
C HIS A 34 10.13 17.48 11.83
N VAL A 35 9.25 18.15 12.58
CA VAL A 35 8.79 17.64 13.87
C VAL A 35 7.29 17.52 13.82
N ILE A 36 6.80 16.34 13.45
CA ILE A 36 5.37 16.11 13.39
C ILE A 36 4.90 15.60 14.75
N VAL A 37 3.82 16.18 15.24
CA VAL A 37 3.28 15.83 16.54
C VAL A 37 2.34 14.65 16.36
N VAL A 38 2.42 13.70 17.29
CA VAL A 38 1.61 12.49 17.23
C VAL A 38 0.93 12.29 18.58
N PRO A 39 -0.33 12.66 18.72
CA PRO A 39 -0.99 12.49 20.02
C PRO A 39 -1.23 11.03 20.35
N VAL A 40 -0.42 10.50 21.27
CA VAL A 40 -0.51 9.12 21.72
C VAL A 40 -1.24 9.10 23.06
N PRO A 41 -2.26 8.26 23.24
CA PRO A 41 -2.95 8.21 24.53
C PRO A 41 -2.07 7.57 25.59
N GLY A 42 -1.77 8.34 26.62
CA GLY A 42 -0.91 7.85 27.69
C GLY A 42 -1.51 6.65 28.38
N ASP A 43 -2.65 6.84 29.02
CA ASP A 43 -3.32 5.74 29.68
C ASP A 43 -3.82 4.73 28.66
N SER A 44 -3.97 3.48 29.11
CA SER A 44 -4.43 2.39 28.25
C SER A 44 -5.93 2.19 28.32
N SER A 45 -6.67 3.23 28.67
CA SER A 45 -8.12 3.12 28.82
C SER A 45 -8.76 2.93 27.44
N ILE A 46 -10.07 2.76 27.45
CA ILE A 46 -10.85 2.59 26.23
C ILE A 46 -11.61 3.85 25.88
N VAL A 47 -12.25 4.49 26.86
CA VAL A 47 -13.03 5.68 26.58
C VAL A 47 -12.12 6.79 26.07
N THR A 48 -10.93 6.92 26.67
CA THR A 48 -10.01 7.96 26.23
C THR A 48 -9.57 7.73 24.79
N ARG A 49 -9.27 6.48 24.44
CA ARG A 49 -8.87 6.19 23.07
C ARG A 49 -10.02 6.43 22.10
N SER A 50 -11.23 6.06 22.49
CA SER A 50 -12.38 6.28 21.61
C SER A 50 -12.61 7.77 21.39
N ARG A 51 -12.52 8.56 22.45
CA ARG A 51 -12.69 10.01 22.31
C ARG A 51 -11.58 10.60 21.45
N LEU A 52 -10.34 10.13 21.65
CA LEU A 52 -9.24 10.61 20.84
C LEU A 52 -9.47 10.32 19.37
N LEU A 53 -9.91 9.10 19.06
CA LEU A 53 -10.15 8.74 17.67
C LEU A 53 -11.29 9.56 17.10
N ASP A 54 -12.34 9.80 17.88
CA ASP A 54 -13.45 10.61 17.41
C ASP A 54 -12.95 12.01 17.06
N ARG A 55 -12.13 12.58 17.93
CA ARG A 55 -11.58 13.91 17.70
C ARG A 55 -10.70 13.95 16.46
N LEU A 56 -9.87 12.92 16.29
CA LEU A 56 -8.96 12.87 15.15
C LEU A 56 -9.74 12.76 13.84
N VAL A 57 -10.76 11.91 13.82
CA VAL A 57 -11.57 11.77 12.62
C VAL A 57 -12.32 13.05 12.33
N ARG A 58 -12.85 13.69 13.37
CA ARG A 58 -13.59 14.93 13.19
C ARG A 58 -12.69 16.04 12.66
N LEU A 59 -11.39 15.97 12.98
CA LEU A 59 -10.44 16.96 12.56
C LEU A 59 -9.76 16.58 11.25
N ALA A 60 -9.52 15.28 11.05
CA ALA A 60 -8.83 14.85 9.84
C ALA A 60 -9.59 15.20 8.58
N GLY A 61 -10.91 15.30 8.66
CA GLY A 61 -11.70 15.56 7.48
C GLY A 61 -11.94 17.04 7.25
N ASP A 62 -11.04 17.87 7.76
CA ASP A 62 -11.20 19.30 7.61
C ASP A 62 -10.47 19.77 6.36
N PRO A 63 -11.04 20.74 5.65
CA PRO A 63 -10.44 21.17 4.39
C PRO A 63 -9.15 21.95 4.61
N TYR A 64 -9.19 22.88 5.56
CA TYR A 64 -8.05 23.73 5.87
C TYR A 64 -7.27 23.08 6.99
N ILE A 65 -6.32 22.23 6.63
CA ILE A 65 -5.50 21.50 7.58
C ILE A 65 -4.09 21.41 7.04
N SER A 66 -3.11 21.49 7.93
CA SER A 66 -1.71 21.48 7.51
C SER A 66 -1.25 20.06 7.25
N GLY A 67 -0.36 19.93 6.26
CA GLY A 67 0.17 18.64 5.88
C GLY A 67 0.79 17.91 7.04
N PRO A 68 1.74 18.55 7.72
CA PRO A 68 2.34 17.91 8.90
C PRO A 68 1.31 17.49 9.94
N LYS A 69 0.39 18.39 10.29
CA LYS A 69 -0.63 18.03 11.26
C LYS A 69 -1.45 16.84 10.76
N LEU A 70 -1.76 16.83 9.47
CA LEU A 70 -2.61 15.78 8.94
C LEU A 70 -1.90 14.42 8.99
N THR A 71 -0.64 14.39 8.59
CA THR A 71 0.10 13.14 8.63
C THR A 71 0.33 12.67 10.07
N GLY A 72 0.55 13.61 10.99
CA GLY A 72 0.67 13.22 12.37
C GLY A 72 -0.63 12.63 12.90
N VAL A 73 -1.75 13.22 12.50
CA VAL A 73 -3.04 12.70 12.90
C VAL A 73 -3.24 11.30 12.36
N MET A 74 -2.88 11.10 11.09
CA MET A 74 -3.02 9.79 10.49
C MET A 74 -2.18 8.76 11.24
N ILE A 75 -0.94 9.11 11.55
CA ILE A 75 -0.07 8.16 12.24
C ILE A 75 -0.63 7.85 13.62
N SER A 76 -1.14 8.88 14.29
CA SER A 76 -1.73 8.71 15.61
C SER A 76 -2.91 7.75 15.52
N ILE A 77 -3.69 7.86 14.45
CA ILE A 77 -4.83 7.00 14.24
C ILE A 77 -4.37 5.57 14.01
N LEU A 78 -3.32 5.39 13.22
CA LEU A 78 -2.85 4.06 12.84
C LEU A 78 -2.36 3.29 14.06
N SER A 79 -1.30 3.77 14.68
CA SER A 79 -0.66 3.05 15.76
C SER A 79 -1.33 3.45 17.07
N LEU A 80 -2.48 2.84 17.35
CA LEU A 80 -3.22 3.14 18.55
C LEU A 80 -3.68 1.88 19.25
N PHE A 81 -3.87 0.81 18.48
CA PHE A 81 -4.43 -0.41 19.05
C PHE A 81 -3.47 -1.10 20.01
N VAL A 82 -2.17 -1.06 19.71
CA VAL A 82 -1.18 -1.66 20.60
C VAL A 82 -1.17 -0.89 21.92
N GLU A 83 -0.88 -1.59 23.01
CA GLU A 83 -0.71 -0.92 24.29
C GLU A 83 0.59 -0.14 24.26
N SER A 84 0.57 1.06 24.82
CA SER A 84 1.75 1.92 24.79
C SER A 84 2.19 2.09 23.35
N PRO A 85 1.38 2.75 22.52
CA PRO A 85 1.78 2.96 21.12
C PRO A 85 3.12 3.67 20.99
N SER A 86 3.53 4.42 22.01
CA SER A 86 4.80 5.12 21.94
C SER A 86 5.95 4.15 21.69
N GLN A 87 5.97 3.03 22.40
CA GLN A 87 7.07 2.09 22.25
C GLN A 87 7.10 1.54 20.83
N LEU A 88 5.94 1.18 20.29
CA LEU A 88 5.90 0.65 18.95
C LEU A 88 6.36 1.68 17.93
N ILE A 89 5.85 2.90 18.07
CA ILE A 89 6.23 3.96 17.12
C ILE A 89 7.73 4.18 17.17
N GLN A 90 8.32 4.10 18.37
CA GLN A 90 9.76 4.27 18.48
C GLN A 90 10.50 3.11 17.83
N ARG A 91 9.98 1.89 17.99
CA ARG A 91 10.65 0.73 17.43
C ARG A 91 10.50 0.67 15.93
N ILE A 92 9.49 1.33 15.40
CA ILE A 92 9.20 1.30 13.97
C ILE A 92 9.81 2.49 13.25
N THR A 93 9.68 3.67 13.84
CA THR A 93 10.20 4.88 13.21
C THR A 93 11.71 4.78 13.07
N ASP A 94 12.18 4.71 11.83
CA ASP A 94 13.62 4.62 11.58
C ASP A 94 14.00 5.42 10.34
N ASP A 95 13.29 6.50 10.07
CA ASP A 95 13.56 7.31 8.89
C ASP A 95 14.08 8.68 9.27
N PRO A 96 14.97 9.27 8.46
CA PRO A 96 15.44 10.62 8.74
C PRO A 96 14.60 11.67 8.03
N ASP A 97 13.46 11.24 7.49
CA ASP A 97 12.59 12.19 6.80
C ASP A 97 11.95 13.17 7.77
N VAL A 98 11.55 12.69 8.95
CA VAL A 98 10.87 13.53 9.93
C VAL A 98 11.19 13.01 11.32
N SER A 99 10.99 13.87 12.31
CA SER A 99 11.19 13.53 13.71
C SER A 99 9.83 13.36 14.34
N ILE A 100 9.50 12.11 14.70
CA ILE A 100 8.23 11.79 15.29
C ILE A 100 8.23 12.29 16.73
N ARG A 101 7.60 13.45 16.96
CA ARG A 101 7.56 14.05 18.28
C ARG A 101 6.36 13.50 19.02
N LEU A 102 6.59 12.50 19.86
CA LEU A 102 5.52 11.89 20.62
C LEU A 102 5.02 12.85 21.68
N VAL A 103 3.83 12.56 22.20
CA VAL A 103 3.25 13.32 23.29
C VAL A 103 2.15 12.48 23.93
N GLU A 104 2.18 12.38 25.25
CA GLU A 104 1.16 11.62 25.95
C GLU A 104 -0.11 12.44 26.07
N VAL A 105 -1.23 11.74 26.14
CA VAL A 105 -2.54 12.36 26.29
C VAL A 105 -3.32 11.60 27.34
N ILE A 106 -4.18 12.31 28.06
CA ILE A 106 -4.99 11.73 29.12
C ILE A 106 -6.38 12.38 29.03
N GLN A 107 -7.25 11.96 29.95
CA GLN A 107 -8.60 12.47 29.98
C GLN A 107 -8.68 13.77 30.76
N SER A 108 -9.68 14.58 30.43
CA SER A 108 -9.90 15.85 31.11
C SER A 108 -11.36 16.25 30.99
N GLU A 109 -12.06 16.36 32.12
CA GLU A 109 -13.49 16.66 32.13
C GLU A 109 -13.72 18.15 32.37
N LYS A 110 -12.77 18.95 31.90
CA LYS A 110 -12.83 20.40 32.06
C LYS A 110 -12.44 21.12 30.79
N SER A 111 -12.74 20.52 29.64
CA SER A 111 -12.36 21.12 28.37
C SER A 111 -13.37 20.70 27.30
N LEU A 112 -13.34 21.44 26.19
CA LEU A 112 -14.22 21.14 25.07
C LEU A 112 -13.95 19.74 24.54
N SER A 113 -12.74 19.50 24.04
CA SER A 113 -12.40 18.19 23.50
C SER A 113 -12.35 17.14 24.60
N GLY A 114 -12.15 17.56 25.83
CA GLY A 114 -12.11 16.63 26.95
C GLY A 114 -10.80 15.92 27.12
N LEU A 115 -9.75 16.37 26.44
CA LEU A 115 -8.45 15.71 26.49
C LEU A 115 -7.37 16.76 26.66
N THR A 116 -6.25 16.32 27.23
CA THR A 116 -5.13 17.21 27.51
C THR A 116 -3.84 16.42 27.41
N PHE A 117 -2.76 17.13 27.13
CA PHE A 117 -1.45 16.52 27.01
C PHE A 117 -0.80 16.39 28.37
N ALA A 118 -0.18 15.24 28.61
CA ALA A 118 0.46 14.98 29.89
C ALA A 118 1.95 15.28 29.86
N SER A 119 2.60 15.11 28.71
CA SER A 119 4.03 15.38 28.63
C SER A 119 4.30 16.89 28.70
N ARG A 120 3.43 17.70 28.10
CA ARG A 120 3.59 19.14 28.18
C ARG A 120 3.36 19.64 29.60
N GLY A 121 2.26 19.23 30.21
CA GLY A 121 1.92 19.63 31.56
C GLY A 121 0.42 19.61 31.73
N ALA A 122 -0.01 19.36 32.97
CA ALA A 122 -1.44 19.32 33.25
C ALA A 122 -2.09 20.69 33.07
N ASN A 123 -1.35 21.76 33.32
CA ASN A 123 -1.92 23.10 33.17
C ASN A 123 -2.28 23.40 31.72
N MET A 124 -1.52 22.87 30.78
CA MET A 124 -1.80 23.10 29.37
C MET A 124 -3.09 22.39 28.97
N GLU A 125 -4.13 23.18 28.69
CA GLU A 125 -5.41 22.63 28.26
C GLU A 125 -5.86 23.31 26.98
N ASP A 126 -5.55 24.60 26.83
CA ASP A 126 -5.96 25.34 25.66
C ASP A 126 -5.31 24.77 24.39
N GLU A 127 -4.08 24.26 24.51
CA GLU A 127 -3.42 23.69 23.34
C GLU A 127 -4.18 22.49 22.80
N ALA A 128 -4.76 21.68 23.69
CA ALA A 128 -5.53 20.52 23.25
C ALA A 128 -6.71 20.96 22.39
N ASP A 129 -7.49 21.92 22.89
CA ASP A 129 -8.65 22.38 22.14
C ASP A 129 -8.23 23.07 20.84
N ASP A 130 -7.09 23.77 20.87
CA ASP A 130 -6.62 24.46 19.67
C ASP A 130 -6.14 23.47 18.62
N TYR A 131 -5.59 22.34 19.04
CA TYR A 131 -5.09 21.35 18.11
C TYR A 131 -6.14 20.35 17.67
N PHE A 132 -7.23 20.22 18.41
CA PHE A 132 -8.25 19.22 18.08
C PHE A 132 -9.42 19.81 17.30
N SER A 133 -9.76 21.07 17.52
CA SER A 133 -10.95 21.64 16.88
C SER A 133 -10.81 23.16 16.84
N ILE A 134 -10.62 23.70 15.63
CA ILE A 134 -10.54 25.15 15.47
C ILE A 134 -11.49 25.60 14.37
N GLN A 135 -11.43 24.94 13.22
CA GLN A 135 -12.21 25.34 12.05
C GLN A 135 -12.74 24.08 11.38
N ALA A 136 -14.04 24.10 11.08
CA ALA A 136 -14.69 22.93 10.49
C ALA A 136 -15.66 23.36 9.40
N GLY A 137 -15.22 24.24 8.51
CA GLY A 137 -16.08 24.74 7.46
C GLY A 137 -16.92 25.92 7.86
N GLU A 138 -16.57 26.61 8.96
CA GLU A 138 -17.36 27.75 9.41
C GLU A 138 -17.45 28.82 8.34
N GLU A 139 -16.42 28.96 7.51
CA GLU A 139 -16.42 29.95 6.45
C GLU A 139 -15.64 29.40 5.26
N GLY A 140 -15.79 30.06 4.12
CA GLY A 140 -15.14 29.62 2.90
C GLY A 140 -15.92 28.54 2.20
N ASP A 141 -15.50 27.28 2.37
CA ASP A 141 -16.15 26.12 1.77
C ASP A 141 -16.79 25.31 2.89
N THR A 142 -18.12 25.31 2.92
CA THR A 142 -18.83 24.58 3.96
C THR A 142 -18.79 23.07 3.72
N ARG A 143 -18.73 22.63 2.45
CA ARG A 143 -18.59 21.22 2.16
C ARG A 143 -17.25 20.65 2.59
N GLY A 144 -16.26 21.51 2.87
CA GLY A 144 -14.91 21.04 3.09
C GLY A 144 -14.78 20.07 4.25
N THR A 145 -15.70 20.14 5.21
CA THR A 145 -15.71 19.20 6.31
C THR A 145 -16.22 17.84 5.84
N HIS A 146 -15.68 16.78 6.45
CA HIS A 146 -16.08 15.42 6.15
C HIS A 146 -16.57 14.74 7.41
N TRP A 147 -17.34 13.67 7.21
CA TRP A 147 -17.90 12.91 8.33
C TRP A 147 -18.42 11.60 7.76
N PHE A 148 -18.79 10.71 8.67
CA PHE A 148 -19.36 9.44 8.27
C PHE A 148 -20.55 9.66 7.35
N GLU A 149 -20.90 8.62 6.60
CA GLU A 149 -22.04 8.71 5.71
C GLU A 149 -23.35 8.82 6.50
N ASN A 150 -23.41 8.17 7.66
CA ASN A 150 -24.60 8.24 8.51
C ASN A 150 -24.55 9.52 9.32
N LYS A 151 -25.46 10.44 9.02
CA LYS A 151 -25.54 11.68 9.79
C LYS A 151 -26.08 11.46 11.19
N GLU A 152 -26.79 10.35 11.42
CA GLU A 152 -27.33 10.09 12.76
C GLU A 152 -26.21 9.89 13.77
N ILE A 153 -25.04 9.43 13.32
CA ILE A 153 -23.90 9.28 14.19
C ILE A 153 -23.19 10.61 14.33
N VAL A 154 -23.58 11.39 15.34
CA VAL A 154 -22.94 12.66 15.59
C VAL A 154 -21.57 12.46 16.21
N GLU A 155 -21.39 11.40 16.97
CA GLU A 155 -20.12 11.10 17.62
C GLU A 155 -19.94 9.59 17.67
N ILE A 156 -18.68 9.16 17.66
CA ILE A 156 -18.35 7.74 17.62
C ILE A 156 -17.74 7.32 18.95
N GLU A 157 -18.06 8.08 20.00
CA GLU A 157 -17.53 7.81 21.33
C GLU A 157 -18.35 6.69 21.95
N VAL A 158 -17.66 5.62 22.35
CA VAL A 158 -18.30 4.46 22.97
C VAL A 158 -17.47 4.02 24.16
N GLN A 159 -18.13 3.33 25.10
CA GLN A 159 -17.49 2.86 26.32
C GLN A 159 -17.24 1.36 26.32
N ASP A 160 -18.07 0.57 25.64
CA ASP A 160 -17.86 -0.88 25.62
C ASP A 160 -16.58 -1.22 24.86
N PRO A 161 -15.74 -2.09 25.42
CA PRO A 161 -14.49 -2.45 24.73
C PRO A 161 -14.73 -3.00 23.34
N GLU A 162 -15.73 -3.86 23.16
CA GLU A 162 -15.96 -4.47 21.85
C GLU A 162 -16.28 -3.42 20.80
N GLU A 163 -17.18 -2.49 21.14
CA GLU A 163 -17.57 -1.47 20.17
C GLU A 163 -16.37 -0.67 19.72
N PHE A 164 -15.56 -0.22 20.68
CA PHE A 164 -14.37 0.55 20.32
C PHE A 164 -13.41 -0.27 19.48
N ASN A 165 -13.22 -1.54 19.84
CA ASN A 165 -12.30 -2.37 19.08
C ASN A 165 -12.74 -2.48 17.62
N ILE A 166 -14.02 -2.76 17.41
CA ILE A 166 -14.50 -2.90 16.04
C ILE A 166 -14.43 -1.58 15.30
N LEU A 167 -14.73 -0.48 15.99
CA LEU A 167 -14.64 0.83 15.35
C LEU A 167 -13.21 1.09 14.89
N LEU A 168 -12.25 0.86 15.78
CA LEU A 168 -10.86 1.10 15.45
C LEU A 168 -10.43 0.20 14.30
N ALA A 169 -10.88 -1.05 14.32
CA ALA A 169 -10.49 -1.98 13.26
C ALA A 169 -11.05 -1.51 11.92
N SER A 170 -12.30 -1.07 11.91
CA SER A 170 -12.91 -0.62 10.66
C SER A 170 -12.21 0.62 10.15
N ILE A 171 -11.87 1.54 11.04
CA ILE A 171 -11.21 2.75 10.61
C ILE A 171 -9.82 2.45 10.06
N LEU A 172 -9.08 1.59 10.75
CA LEU A 172 -7.75 1.22 10.26
C LEU A 172 -7.86 0.53 8.91
N ALA A 173 -8.88 -0.30 8.73
CA ALA A 173 -9.03 -0.98 7.45
C ALA A 173 -9.35 0.00 6.34
N GLN A 174 -10.21 0.97 6.62
CA GLN A 174 -10.51 1.98 5.61
C GLN A 174 -9.28 2.79 5.28
N ILE A 175 -8.43 3.03 6.26
CA ILE A 175 -7.23 3.81 6.02
C ILE A 175 -6.19 3.00 5.27
N TRP A 176 -6.14 1.70 5.51
CA TRP A 176 -5.11 0.85 4.93
C TRP A 176 -5.45 0.47 3.50
N ILE A 177 -6.72 0.26 3.19
CA ILE A 177 -7.09 -0.17 1.86
C ILE A 177 -6.75 0.87 0.81
N LEU A 178 -6.40 2.08 1.23
CA LEU A 178 -6.11 3.14 0.29
C LEU A 178 -4.78 2.92 -0.42
N LEU A 179 -3.82 2.30 0.26
CA LEU A 179 -2.51 2.10 -0.35
C LEU A 179 -2.57 1.22 -1.57
N ALA A 180 -3.66 0.50 -1.78
CA ALA A 180 -3.74 -0.36 -2.94
C ALA A 180 -3.55 0.43 -4.22
N LYS A 181 -4.00 1.69 -4.23
CA LYS A 181 -3.88 2.50 -5.44
C LYS A 181 -3.56 3.96 -5.12
N ALA A 182 -3.12 4.25 -3.91
CA ALA A 182 -2.75 5.63 -3.58
C ALA A 182 -1.58 6.10 -4.41
N VAL A 183 -0.51 5.33 -4.44
CA VAL A 183 0.66 5.71 -5.22
C VAL A 183 0.42 5.57 -6.70
N THR A 184 -0.46 4.66 -7.10
CA THR A 184 -0.71 4.37 -8.50
C THR A 184 -2.18 4.59 -8.79
N ALA A 185 -2.47 5.59 -9.61
CA ALA A 185 -3.84 5.87 -9.98
C ALA A 185 -4.68 6.06 -8.72
N PRO A 186 -4.43 7.12 -7.97
CA PRO A 186 -5.24 7.35 -6.77
C PRO A 186 -6.67 7.70 -7.09
N ASP A 187 -6.88 8.50 -8.14
CA ASP A 187 -8.23 8.92 -8.48
C ASP A 187 -9.10 7.72 -8.86
N THR A 188 -8.55 6.80 -9.63
CA THR A 188 -9.30 5.65 -10.12
C THR A 188 -9.17 4.50 -9.13
N ALA A 189 -9.53 4.79 -7.89
CA ALA A 189 -9.44 3.78 -6.84
C ALA A 189 -10.63 3.87 -5.89
N ALA A 190 -11.79 4.26 -6.42
CA ALA A 190 -12.99 4.36 -5.60
C ALA A 190 -13.76 3.05 -5.58
N ASP A 191 -13.97 2.45 -6.76
CA ASP A 191 -14.72 1.20 -6.81
C ASP A 191 -13.98 0.08 -6.09
N SER A 192 -12.66 0.06 -6.20
CA SER A 192 -11.89 -0.99 -5.54
C SER A 192 -12.05 -0.90 -4.03
N GLU A 193 -11.86 0.28 -3.46
CA GLU A 193 -12.04 0.44 -2.02
C GLU A 193 -13.47 0.15 -1.61
N THR A 194 -14.43 0.60 -2.40
CA THR A 194 -15.83 0.34 -2.07
C THR A 194 -16.09 -1.15 -2.03
N ARG A 195 -15.52 -1.88 -2.97
CA ARG A 195 -15.72 -3.32 -3.02
C ARG A 195 -15.05 -4.00 -1.85
N ARG A 196 -13.86 -3.56 -1.50
CA ARG A 196 -13.17 -4.15 -0.35
C ARG A 196 -13.95 -3.93 0.92
N TRP A 197 -14.51 -2.74 1.08
CA TRP A 197 -15.32 -2.47 2.26
C TRP A 197 -16.56 -3.34 2.27
N ILE A 198 -17.27 -3.41 1.13
CA ILE A 198 -18.46 -4.24 1.05
C ILE A 198 -18.10 -5.68 1.36
N LYS A 199 -16.86 -6.06 1.08
CA LYS A 199 -16.43 -7.42 1.34
C LYS A 199 -16.15 -7.64 2.81
N TYR A 200 -15.37 -6.75 3.41
CA TYR A 200 -15.04 -6.89 4.82
C TYR A 200 -16.28 -6.80 5.69
N THR A 201 -17.28 -6.05 5.26
CA THR A 201 -18.48 -5.89 6.07
C THR A 201 -19.16 -7.23 6.28
N GLN A 202 -19.40 -7.96 5.19
CA GLN A 202 -20.03 -9.25 5.29
C GLN A 202 -19.06 -10.32 5.74
N GLN A 203 -17.84 -9.94 6.08
CA GLN A 203 -16.92 -10.82 6.78
C GLN A 203 -17.15 -10.82 8.28
N ARG A 204 -18.13 -10.05 8.74
CA ARG A 204 -18.47 -9.98 10.16
C ARG A 204 -17.36 -9.35 11.01
N ARG A 205 -16.30 -8.89 10.37
CA ARG A 205 -15.18 -8.27 11.08
C ARG A 205 -15.38 -6.80 11.34
N VAL A 206 -16.21 -6.14 10.54
CA VAL A 206 -16.48 -4.72 10.70
C VAL A 206 -17.97 -4.48 10.54
N VAL A 207 -18.38 -3.22 10.53
CA VAL A 207 -19.78 -2.87 10.33
C VAL A 207 -19.84 -1.68 9.39
N GLY A 208 -20.84 -1.69 8.51
CA GLY A 208 -20.98 -0.63 7.53
C GLY A 208 -21.42 0.70 8.11
N GLU A 209 -21.92 0.69 9.34
CA GLU A 209 -22.34 1.94 9.96
C GLU A 209 -21.18 2.91 10.07
N PHE A 210 -19.96 2.42 10.22
CA PHE A 210 -18.78 3.27 10.30
C PHE A 210 -18.17 3.49 8.93
N ARG A 211 -19.01 3.91 7.99
CA ARG A 211 -18.57 4.23 6.65
C ARG A 211 -18.29 5.72 6.55
N LEU A 212 -17.11 6.06 6.05
CA LEU A 212 -16.71 7.45 5.93
C LEU A 212 -17.02 7.99 4.54
N ASP A 213 -17.15 9.31 4.47
CA ASP A 213 -17.44 9.96 3.21
C ASP A 213 -16.27 9.79 2.26
N LYS A 214 -16.59 9.80 0.96
CA LYS A 214 -15.57 9.66 -0.06
C LYS A 214 -14.56 10.80 0.00
N GLY A 215 -15.00 11.99 0.42
CA GLY A 215 -14.08 13.11 0.51
C GLY A 215 -12.96 12.87 1.49
N TRP A 216 -13.29 12.30 2.65
CA TRP A 216 -12.27 12.01 3.65
C TRP A 216 -11.25 11.02 3.11
N LEU A 217 -11.73 9.96 2.47
CA LEU A 217 -10.83 8.97 1.91
C LEU A 217 -9.95 9.59 0.84
N ASP A 218 -10.52 10.43 -0.01
CA ASP A 218 -9.75 11.05 -1.07
C ASP A 218 -8.66 11.95 -0.49
N ALA A 219 -9.02 12.73 0.53
CA ALA A 219 -8.02 13.58 1.17
C ALA A 219 -6.91 12.75 1.77
N VAL A 220 -7.26 11.66 2.44
CA VAL A 220 -6.24 10.83 3.06
C VAL A 220 -5.34 10.22 2.00
N ARG A 221 -5.92 9.76 0.90
CA ARG A 221 -5.10 9.17 -0.15
C ARG A 221 -4.16 10.21 -0.74
N ASN A 222 -4.67 11.41 -0.97
CA ASN A 222 -3.83 12.47 -1.50
C ASN A 222 -2.67 12.76 -0.55
N ARG A 223 -2.98 12.86 0.74
CA ARG A 223 -1.92 13.12 1.72
C ARG A 223 -0.91 12.00 1.72
N ILE A 224 -1.38 10.76 1.70
CA ILE A 224 -0.48 9.61 1.71
C ILE A 224 0.44 9.65 0.50
N ALA A 225 -0.08 10.09 -0.63
CA ALA A 225 0.74 10.16 -1.82
C ALA A 225 1.75 11.30 -1.73
N GLU A 226 1.35 12.43 -1.17
CA GLU A 226 2.19 13.62 -1.16
C GLU A 226 3.50 13.34 -0.46
N ASP A 227 3.43 13.01 0.83
CA ASP A 227 4.64 12.74 1.60
C ASP A 227 4.86 11.25 1.75
N LEU A 228 6.13 10.86 1.84
CA LEU A 228 6.51 9.46 1.92
C LEU A 228 6.88 9.03 3.31
N SER A 229 6.88 9.94 4.29
CA SER A 229 7.15 9.52 5.66
C SER A 229 6.06 8.60 6.17
N LEU A 230 4.81 8.95 5.89
CA LEU A 230 3.70 8.10 6.29
C LEU A 230 3.77 6.75 5.61
N ARG A 231 4.07 6.74 4.32
CA ARG A 231 4.17 5.46 3.61
C ARG A 231 5.31 4.63 4.17
N ARG A 232 6.43 5.27 4.50
CA ARG A 232 7.55 4.54 5.07
C ARG A 232 7.16 3.92 6.40
N PHE A 233 6.43 4.67 7.22
CA PHE A 233 6.02 4.16 8.52
C PHE A 233 5.04 3.01 8.35
N MET A 234 4.09 3.16 7.45
CA MET A 234 3.10 2.11 7.23
C MET A 234 3.77 0.83 6.76
N VAL A 235 4.70 0.95 5.81
CA VAL A 235 5.40 -0.22 5.32
C VAL A 235 6.22 -0.87 6.41
N ALA A 236 6.89 -0.06 7.23
CA ALA A 236 7.67 -0.64 8.32
C ALA A 236 6.76 -1.37 9.29
N LEU A 237 5.57 -0.82 9.53
CA LEU A 237 4.62 -1.47 10.41
C LEU A 237 4.16 -2.79 9.83
N ILE A 238 3.86 -2.81 8.54
CA ILE A 238 3.40 -4.03 7.90
C ILE A 238 4.50 -5.09 7.93
N LEU A 239 5.73 -4.66 7.66
CA LEU A 239 6.85 -5.59 7.72
C LEU A 239 7.03 -6.14 9.12
N ASP A 240 6.85 -5.30 10.13
CA ASP A 240 6.96 -5.77 11.51
C ASP A 240 5.87 -6.79 11.80
N ILE A 241 4.63 -6.47 11.44
CA ILE A 241 3.52 -7.36 11.70
C ILE A 241 3.73 -8.69 11.00
N LYS A 242 4.22 -8.66 9.76
CA LYS A 242 4.43 -9.90 9.02
C LYS A 242 5.49 -10.77 9.68
N ARG A 243 6.41 -10.17 10.43
CA ARG A 243 7.45 -10.92 11.11
C ARG A 243 7.01 -11.45 12.46
N THR A 244 5.81 -11.11 12.91
CA THR A 244 5.34 -11.59 14.20
C THR A 244 5.35 -13.12 14.21
N PRO A 245 6.27 -13.74 14.95
CA PRO A 245 6.32 -15.21 14.97
C PRO A 245 5.04 -15.81 15.53
N GLY A 246 4.63 -15.32 16.69
CA GLY A 246 3.51 -15.89 17.41
C GLY A 246 2.18 -15.61 16.73
N ASN A 247 1.14 -15.56 17.55
CA ASN A 247 -0.18 -15.23 17.05
C ASN A 247 -0.26 -13.75 16.71
N LYS A 248 -1.36 -13.37 16.08
CA LYS A 248 -1.57 -12.00 15.65
C LYS A 248 -2.98 -11.56 16.05
N PRO A 249 -3.13 -10.40 16.68
CA PRO A 249 -4.47 -9.94 17.06
C PRO A 249 -5.40 -9.75 15.88
N ARG A 250 -6.66 -9.46 16.18
CA ARG A 250 -7.65 -9.25 15.13
C ARG A 250 -7.19 -8.16 14.17
N ILE A 251 -6.79 -7.02 14.71
CA ILE A 251 -6.35 -5.91 13.88
C ILE A 251 -5.07 -6.28 13.15
N ALA A 252 -4.14 -6.94 13.83
CA ALA A 252 -2.91 -7.37 13.19
C ALA A 252 -3.21 -8.26 12.00
N GLU A 253 -4.15 -9.19 12.15
CA GLU A 253 -4.47 -10.08 11.04
C GLU A 253 -5.16 -9.31 9.93
N MET A 254 -6.00 -8.34 10.30
CA MET A 254 -6.65 -7.53 9.28
C MET A 254 -5.60 -6.85 8.42
N ILE A 255 -4.57 -6.33 9.06
CA ILE A 255 -3.54 -5.60 8.33
C ILE A 255 -2.69 -6.55 7.50
N CYS A 256 -2.32 -7.70 8.07
CA CYS A 256 -1.52 -8.65 7.32
C CYS A 256 -2.29 -9.24 6.16
N ASP A 257 -3.61 -9.17 6.19
CA ASP A 257 -4.42 -9.55 5.04
C ASP A 257 -4.52 -8.43 4.04
N ILE A 258 -4.69 -7.21 4.52
CA ILE A 258 -4.89 -6.09 3.62
C ILE A 258 -3.62 -5.78 2.86
N ASP A 259 -2.47 -6.14 3.43
CA ASP A 259 -1.21 -5.86 2.73
C ASP A 259 -1.17 -6.53 1.37
N THR A 260 -1.79 -7.70 1.24
CA THR A 260 -1.70 -8.46 0.00
C THR A 260 -2.26 -7.65 -1.16
N TYR A 261 -3.23 -6.79 -0.88
CA TYR A 261 -3.66 -5.85 -1.91
C TYR A 261 -2.64 -4.76 -2.13
N ILE A 262 -1.85 -4.46 -1.10
CA ILE A 262 -0.85 -3.40 -1.20
C ILE A 262 0.39 -3.90 -1.90
N VAL A 263 0.71 -5.18 -1.73
CA VAL A 263 1.88 -5.74 -2.36
C VAL A 263 1.78 -5.63 -3.87
N GLU A 264 2.90 -5.33 -4.52
CA GLU A 264 2.97 -5.28 -5.96
C GLU A 264 2.02 -4.21 -6.52
N ALA A 265 1.83 -3.14 -5.76
CA ALA A 265 0.84 -2.16 -6.15
C ALA A 265 1.26 -1.41 -7.40
N GLY A 266 2.54 -1.42 -7.71
CA GLY A 266 3.04 -0.71 -8.86
C GLY A 266 3.90 -1.57 -9.76
N LEU A 267 4.17 -2.79 -9.33
CA LEU A 267 5.02 -3.70 -10.09
C LEU A 267 4.23 -4.52 -11.10
N ALA A 268 3.03 -4.10 -11.42
CA ALA A 268 2.20 -4.90 -12.31
C ALA A 268 2.94 -5.21 -13.60
N SER A 269 3.61 -4.20 -14.14
CA SER A 269 4.36 -4.38 -15.37
C SER A 269 5.44 -5.42 -15.26
N PHE A 270 5.79 -5.82 -14.04
CA PHE A 270 6.77 -6.87 -13.81
C PHE A 270 6.12 -8.20 -13.47
N ILE A 271 5.17 -8.19 -12.53
CA ILE A 271 4.51 -9.42 -12.14
C ILE A 271 3.80 -10.03 -13.33
N LEU A 272 2.91 -9.26 -13.95
CA LEU A 272 2.17 -9.78 -15.09
C LEU A 272 3.11 -10.18 -16.20
N THR A 273 4.18 -9.41 -16.40
CA THR A 273 5.17 -9.76 -17.41
C THR A 273 5.72 -11.14 -17.18
N ILE A 274 6.22 -11.37 -15.97
CA ILE A 274 6.75 -12.68 -15.64
C ILE A 274 5.70 -13.74 -15.88
N LYS A 275 4.46 -13.45 -15.47
CA LYS A 275 3.43 -14.47 -15.48
C LYS A 275 3.04 -14.87 -16.89
N PHE A 276 3.05 -13.91 -17.81
CA PHE A 276 2.58 -14.15 -19.16
C PHE A 276 3.69 -14.37 -20.16
N GLY A 277 4.95 -14.23 -19.77
CA GLY A 277 6.01 -14.44 -20.72
C GLY A 277 7.09 -15.35 -20.19
N ILE A 278 6.92 -15.86 -18.99
CA ILE A 278 7.85 -16.84 -18.45
C ILE A 278 7.05 -18.04 -17.99
N GLU A 279 5.97 -17.79 -17.25
CA GLU A 279 5.16 -18.90 -16.73
C GLU A 279 4.39 -19.61 -17.82
N THR A 280 4.21 -18.98 -18.98
CA THR A 280 3.33 -19.55 -19.99
C THR A 280 4.07 -20.47 -20.95
N MET A 281 5.39 -20.33 -21.00
CA MET A 281 6.24 -21.16 -21.84
C MET A 281 5.77 -21.21 -23.28
N TYR A 282 5.60 -20.05 -23.89
CA TYR A 282 5.14 -20.01 -25.27
C TYR A 282 6.32 -20.11 -26.22
N PRO A 283 6.07 -20.55 -27.46
CA PRO A 283 7.17 -20.63 -28.44
C PRO A 283 7.83 -19.30 -28.67
N ALA A 284 7.11 -18.20 -28.48
CA ALA A 284 7.66 -16.88 -28.76
C ALA A 284 8.89 -16.60 -27.92
N LEU A 285 8.98 -17.18 -26.72
CA LEU A 285 10.11 -16.92 -25.86
C LEU A 285 11.41 -17.42 -26.47
N GLY A 286 11.34 -18.39 -27.36
CA GLY A 286 12.55 -18.90 -27.95
C GLY A 286 13.13 -18.04 -29.02
N LEU A 287 12.48 -16.93 -29.35
CA LEU A 287 12.94 -16.08 -30.42
C LEU A 287 14.22 -15.37 -30.01
N HIS A 288 15.08 -15.13 -31.00
CA HIS A 288 16.33 -14.45 -30.73
C HIS A 288 16.12 -13.05 -30.19
N GLU A 289 14.92 -12.51 -30.32
CA GLU A 289 14.63 -11.13 -29.93
C GLU A 289 14.13 -11.02 -28.52
N PHE A 290 14.26 -12.08 -27.72
CA PHE A 290 13.69 -12.11 -26.39
C PHE A 290 14.70 -12.54 -25.34
N SER A 291 15.86 -13.04 -25.76
CA SER A 291 16.81 -13.55 -24.79
C SER A 291 17.32 -12.45 -23.87
N GLY A 292 17.54 -11.26 -24.42
CA GLY A 292 17.97 -10.15 -23.59
C GLY A 292 16.95 -9.80 -22.54
N GLU A 293 15.69 -9.67 -22.95
CA GLU A 293 14.65 -9.37 -21.99
C GLU A 293 14.52 -10.49 -20.97
N LEU A 294 14.69 -11.73 -21.41
CA LEU A 294 14.55 -12.86 -20.50
C LEU A 294 15.60 -12.79 -19.41
N THR A 295 16.85 -12.60 -19.79
CA THR A 295 17.90 -12.53 -18.78
C THR A 295 17.75 -11.28 -17.93
N THR A 296 17.23 -10.20 -18.51
CA THR A 296 16.98 -9.01 -17.72
C THR A 296 15.98 -9.30 -16.63
N VAL A 297 14.86 -9.92 -16.98
CA VAL A 297 13.83 -10.23 -16.01
C VAL A 297 14.35 -11.22 -15.00
N GLU A 298 15.19 -12.15 -15.44
CA GLU A 298 15.80 -13.09 -14.50
C GLU A 298 16.61 -12.34 -13.46
N SER A 299 17.47 -11.43 -13.90
CA SER A 299 18.27 -10.66 -12.97
C SER A 299 17.39 -9.82 -12.06
N LEU A 300 16.32 -9.26 -12.62
CA LEU A 300 15.42 -8.44 -11.83
C LEU A 300 14.80 -9.25 -10.70
N MET A 301 14.30 -10.44 -11.02
CA MET A 301 13.65 -11.22 -9.98
C MET A 301 14.67 -11.79 -9.01
N ASN A 302 15.89 -12.03 -9.47
CA ASN A 302 16.96 -12.41 -8.54
C ASN A 302 17.21 -11.29 -7.56
N LEU A 303 17.30 -10.07 -8.06
CA LEU A 303 17.49 -8.92 -7.19
C LEU A 303 16.33 -8.79 -6.21
N TYR A 304 15.12 -8.97 -6.71
CA TYR A 304 13.95 -8.88 -5.86
C TYR A 304 14.04 -9.89 -4.72
N GLN A 305 14.22 -11.16 -5.05
CA GLN A 305 14.27 -12.18 -4.01
C GLN A 305 15.49 -12.02 -3.12
N GLN A 306 16.50 -11.27 -3.57
CA GLN A 306 17.68 -11.05 -2.75
C GLN A 306 17.49 -9.88 -1.81
N MET A 307 16.62 -8.95 -2.19
CA MET A 307 16.39 -7.74 -1.40
C MET A 307 15.98 -8.09 0.02
N GLY A 308 14.78 -8.65 0.15
CA GLY A 308 14.25 -8.97 1.45
C GLY A 308 12.75 -8.89 1.49
N GLU A 309 12.23 -8.43 2.63
CA GLU A 309 10.80 -8.36 2.83
C GLU A 309 10.23 -7.04 2.34
N THR A 310 11.07 -6.03 2.16
CA THR A 310 10.65 -4.74 1.65
C THR A 310 10.70 -4.65 0.15
N ALA A 311 10.88 -5.77 -0.53
CA ALA A 311 10.92 -5.74 -1.99
C ALA A 311 9.58 -5.30 -2.56
N PRO A 312 8.49 -6.03 -2.35
CA PRO A 312 7.24 -5.68 -3.03
C PRO A 312 6.79 -4.27 -2.79
N TYR A 313 7.09 -3.71 -1.64
CA TYR A 313 6.69 -2.35 -1.32
C TYR A 313 7.62 -1.32 -1.92
N MET A 314 8.44 -1.72 -2.88
CA MET A 314 9.47 -0.80 -3.38
C MET A 314 8.85 0.43 -3.99
N VAL A 315 7.71 0.27 -4.65
CA VAL A 315 7.08 1.42 -5.27
C VAL A 315 6.34 2.24 -4.24
N ILE A 316 5.87 1.61 -3.18
CA ILE A 316 5.13 2.34 -2.16
C ILE A 316 6.05 3.33 -1.47
N LEU A 317 7.31 2.97 -1.28
CA LEU A 317 8.31 3.88 -0.77
C LEU A 317 8.84 4.83 -1.83
N GLU A 318 8.32 4.74 -3.05
CA GLU A 318 8.79 5.55 -4.17
C GLU A 318 10.30 5.68 -4.12
N ASN A 319 10.96 4.56 -3.87
CA ASN A 319 12.40 4.53 -3.79
C ASN A 319 13.00 4.62 -5.19
N SER A 320 14.33 4.61 -5.27
CA SER A 320 15.00 4.76 -6.54
C SER A 320 15.04 3.47 -7.34
N ILE A 321 14.97 2.33 -6.66
CA ILE A 321 15.13 1.06 -7.34
C ILE A 321 13.89 0.69 -8.12
N GLN A 322 12.78 1.38 -7.88
CA GLN A 322 11.56 1.04 -8.59
C GLN A 322 11.71 1.21 -10.09
N ASN A 323 12.52 2.17 -10.52
CA ASN A 323 12.68 2.41 -11.94
C ASN A 323 13.47 1.30 -12.62
N LYS A 324 14.22 0.52 -11.84
CA LYS A 324 14.97 -0.58 -12.42
C LYS A 324 14.03 -1.70 -12.86
N PHE A 325 12.93 -1.87 -12.14
CA PHE A 325 11.95 -2.90 -12.47
C PHE A 325 10.94 -2.41 -13.49
N SER A 326 11.09 -1.20 -14.00
CA SER A 326 10.19 -0.73 -15.02
C SER A 326 10.37 -1.58 -16.28
N ALA A 327 9.48 -1.36 -17.23
CA ALA A 327 9.52 -2.10 -18.47
C ALA A 327 10.37 -1.43 -19.52
N GLY A 328 11.05 -0.34 -19.17
CA GLY A 328 11.83 0.38 -20.15
C GLY A 328 12.99 -0.42 -20.69
N SER A 329 13.41 -1.43 -19.94
CA SER A 329 14.51 -2.29 -20.37
C SER A 329 14.04 -3.50 -21.16
N TYR A 330 12.77 -3.85 -21.04
CA TYR A 330 12.20 -4.99 -21.75
C TYR A 330 10.84 -4.60 -22.27
N PRO A 331 10.79 -3.57 -23.12
CA PRO A 331 9.49 -3.12 -23.63
C PRO A 331 8.84 -4.15 -24.51
N LEU A 332 9.64 -4.88 -25.28
CA LEU A 332 9.07 -5.88 -26.19
C LEU A 332 8.38 -6.97 -25.41
N LEU A 333 9.10 -7.60 -24.50
CA LEU A 333 8.52 -8.67 -23.71
C LEU A 333 7.33 -8.16 -22.92
N TRP A 334 7.41 -6.93 -22.42
CA TRP A 334 6.31 -6.38 -21.65
C TRP A 334 5.07 -6.24 -22.51
N SER A 335 5.23 -5.73 -23.72
CA SER A 335 4.10 -5.59 -24.62
C SER A 335 3.53 -6.94 -24.99
N TYR A 336 4.40 -7.92 -25.25
CA TYR A 336 3.93 -9.24 -25.58
C TYR A 336 3.13 -9.83 -24.44
N ALA A 337 3.63 -9.67 -23.22
CA ALA A 337 2.94 -10.20 -22.06
C ALA A 337 1.61 -9.49 -21.86
N MET A 338 1.58 -8.19 -22.05
CA MET A 338 0.33 -7.47 -21.86
C MET A 338 -0.69 -7.89 -22.90
N GLY A 339 -0.26 -8.07 -24.14
CA GLY A 339 -1.17 -8.54 -25.17
C GLY A 339 -1.69 -9.92 -24.85
N VAL A 340 -0.84 -10.77 -24.27
CA VAL A 340 -1.26 -12.10 -23.90
C VAL A 340 -2.27 -12.04 -22.75
N GLY A 341 -1.97 -11.23 -21.75
CA GLY A 341 -2.86 -11.13 -20.61
C GLY A 341 -4.20 -10.52 -20.97
N VAL A 342 -4.22 -9.62 -21.94
CA VAL A 342 -5.48 -9.02 -22.35
C VAL A 342 -6.44 -10.09 -22.83
N GLU A 343 -5.92 -11.19 -23.36
CA GLU A 343 -6.76 -12.25 -23.88
C GLU A 343 -7.00 -13.36 -22.88
N LEU A 344 -5.97 -13.71 -22.10
CA LEU A 344 -6.12 -14.81 -21.15
C LEU A 344 -6.85 -14.34 -19.89
N GLU A 345 -6.28 -13.36 -19.19
CA GLU A 345 -6.85 -12.95 -17.92
C GLU A 345 -8.30 -12.50 -18.10
N ASN A 346 -8.54 -11.61 -19.04
CA ASN A 346 -9.89 -11.16 -19.35
C ASN A 346 -10.39 -10.22 -18.27
N SER A 347 -9.55 -9.92 -17.28
CA SER A 347 -9.83 -8.86 -16.35
C SER A 347 -8.98 -7.64 -16.62
N MET A 348 -7.96 -7.79 -17.45
CA MET A 348 -7.06 -6.69 -17.78
C MET A 348 -7.54 -5.90 -18.98
N GLY A 349 -8.79 -5.45 -18.94
CA GLY A 349 -9.35 -4.64 -19.99
C GLY A 349 -9.18 -3.17 -19.65
N GLY A 350 -9.49 -2.84 -18.40
CA GLY A 350 -9.38 -1.48 -17.92
C GLY A 350 -8.00 -1.09 -17.48
N LEU A 351 -7.05 -2.03 -17.56
CA LEU A 351 -5.67 -1.73 -17.24
C LEU A 351 -5.01 -0.87 -18.30
N ASN A 352 -4.68 0.36 -17.96
CA ASN A 352 -4.04 1.25 -18.92
C ASN A 352 -2.56 0.96 -19.00
N PHE A 353 -2.05 0.86 -20.23
CA PHE A 353 -0.63 0.60 -20.44
C PHE A 353 -0.06 1.45 -21.57
N GLY A 354 -0.74 2.52 -21.96
CA GLY A 354 -0.32 3.31 -23.10
C GLY A 354 0.90 4.14 -22.78
N ARG A 355 2.03 3.47 -22.59
CA ARG A 355 3.26 4.16 -22.29
C ARG A 355 3.94 4.65 -23.56
N SER A 356 4.97 5.48 -23.36
CA SER A 356 5.70 6.05 -24.48
C SER A 356 6.63 5.06 -25.14
N TYR A 357 6.74 3.84 -24.61
CA TYR A 357 7.57 2.79 -25.21
C TYR A 357 6.76 1.55 -25.50
N PHE A 358 5.51 1.72 -25.87
CA PHE A 358 4.67 0.63 -26.31
C PHE A 358 4.92 0.30 -27.76
N ASP A 359 4.83 -0.99 -28.09
CA ASP A 359 5.03 -1.47 -29.46
C ASP A 359 3.83 -2.32 -29.86
N PRO A 360 2.82 -1.72 -30.49
CA PRO A 360 1.64 -2.49 -30.87
C PRO A 360 1.95 -3.71 -31.71
N ALA A 361 3.15 -3.77 -32.29
CA ALA A 361 3.50 -4.92 -33.13
C ALA A 361 3.52 -6.19 -32.32
N TYR A 362 4.34 -6.22 -31.27
CA TYR A 362 4.41 -7.40 -30.42
C TYR A 362 3.10 -7.63 -29.67
N PHE A 363 2.35 -6.58 -29.38
CA PHE A 363 1.04 -6.76 -28.80
C PHE A 363 0.15 -7.58 -29.71
N ARG A 364 0.00 -7.14 -30.96
CA ARG A 364 -0.78 -7.91 -31.92
C ARG A 364 -0.19 -9.29 -32.11
N LEU A 365 1.13 -9.41 -31.98
CA LEU A 365 1.77 -10.71 -32.13
C LEU A 365 1.30 -11.67 -31.05
N GLY A 366 1.39 -11.24 -29.80
CA GLY A 366 0.95 -12.10 -28.71
C GLY A 366 -0.53 -12.38 -28.78
N GLN A 367 -1.32 -11.37 -29.17
CA GLN A 367 -2.74 -11.58 -29.35
C GLN A 367 -3.01 -12.68 -30.35
N GLU A 368 -2.35 -12.61 -31.52
CA GLU A 368 -2.58 -13.63 -32.54
C GLU A 368 -2.06 -14.98 -32.09
N MET A 369 -0.96 -15.00 -31.33
CA MET A 369 -0.40 -16.26 -30.86
C MET A 369 -1.35 -16.93 -29.87
N VAL A 370 -2.01 -16.13 -29.05
CA VAL A 370 -2.95 -16.64 -28.07
C VAL A 370 -4.24 -17.06 -28.77
N ARG A 371 -4.61 -16.33 -29.81
CA ARG A 371 -5.82 -16.63 -30.57
C ARG A 371 -5.67 -17.97 -31.28
N ARG A 372 -4.49 -18.19 -31.88
CA ARG A 372 -4.23 -19.42 -32.59
C ARG A 372 -3.94 -20.58 -31.64
N SER A 373 -3.36 -20.29 -30.47
CA SER A 373 -3.02 -21.32 -29.49
C SER A 373 -4.11 -21.52 -28.45
N ALA A 374 -5.37 -21.28 -28.82
CA ALA A 374 -6.46 -21.44 -27.86
C ALA A 374 -6.60 -22.88 -27.38
N GLY A 375 -6.15 -23.85 -28.15
CA GLY A 375 -6.27 -25.24 -27.75
C GLY A 375 -5.05 -26.06 -28.07
N LYS A 376 -3.92 -25.38 -28.26
CA LYS A 376 -2.68 -26.04 -28.63
C LYS A 376 -1.99 -26.51 -27.37
N VAL A 377 -2.00 -27.82 -27.15
CA VAL A 377 -1.37 -28.40 -25.97
C VAL A 377 0.14 -28.33 -26.11
N SER A 378 0.81 -28.08 -24.99
CA SER A 378 2.26 -27.98 -25.00
C SER A 378 2.89 -29.33 -25.26
N SER A 379 4.21 -29.33 -25.36
CA SER A 379 4.99 -30.54 -25.58
C SER A 379 5.43 -31.17 -24.27
N SER A 380 5.84 -30.35 -23.31
CA SER A 380 6.30 -30.88 -22.03
C SER A 380 5.18 -31.59 -21.30
N LEU A 381 4.05 -30.91 -21.14
CA LEU A 381 2.92 -31.51 -20.43
C LEU A 381 2.33 -32.66 -21.21
N ALA A 382 2.29 -32.55 -22.54
CA ALA A 382 1.79 -33.66 -23.35
C ALA A 382 2.65 -34.91 -23.16
N ALA A 383 3.97 -34.73 -23.10
CA ALA A 383 4.86 -35.87 -22.90
C ALA A 383 4.79 -36.39 -21.47
N GLU A 384 4.57 -35.49 -20.50
CA GLU A 384 4.46 -35.91 -19.11
C GLU A 384 3.20 -36.73 -18.89
N LEU A 385 2.08 -36.27 -19.44
CA LEU A 385 0.82 -36.98 -19.32
C LEU A 385 0.65 -38.03 -20.41
N GLY A 386 1.18 -37.76 -21.61
CA GLY A 386 1.05 -38.68 -22.70
C GLY A 386 -0.22 -38.55 -23.49
N ILE A 387 -0.96 -37.47 -23.31
CA ILE A 387 -2.26 -37.30 -23.95
C ILE A 387 -2.05 -36.82 -25.38
N THR A 388 -3.09 -36.95 -26.20
CA THR A 388 -3.06 -36.48 -27.59
C THR A 388 -3.79 -35.14 -27.69
N ALA A 389 -3.39 -34.36 -28.68
CA ALA A 389 -4.00 -33.06 -28.94
C ALA A 389 -5.37 -33.16 -29.59
N GLU A 390 -5.77 -34.35 -30.04
CA GLU A 390 -7.04 -34.46 -30.75
C GLU A 390 -8.20 -34.06 -29.86
N ASP A 391 -8.10 -34.36 -28.57
CA ASP A 391 -9.15 -34.05 -27.62
C ASP A 391 -9.18 -32.58 -27.22
N ALA A 392 -8.08 -31.87 -27.39
CA ALA A 392 -8.00 -30.48 -26.94
C ALA A 392 -8.56 -29.51 -27.96
N LYS A 393 -8.51 -29.85 -29.25
CA LYS A 393 -9.02 -29.00 -30.31
C LYS A 393 -10.45 -29.35 -30.70
N LEU A 394 -11.21 -29.94 -29.78
CA LEU A 394 -12.56 -30.37 -30.10
C LEU A 394 -13.51 -29.19 -30.19
N VAL A 395 -13.25 -28.13 -29.42
CA VAL A 395 -14.13 -26.97 -29.37
C VAL A 395 -13.48 -25.80 -30.10
N SER A 396 -12.16 -25.76 -30.10
CA SER A 396 -11.42 -24.71 -30.77
C SER A 396 -11.29 -25.00 -32.26
#